data_3GA5
#
_entry.id   3GA5
#
_cell.length_a   36.458
_cell.length_b   109.275
_cell.length_c   150.703
_cell.angle_alpha   90.00
_cell.angle_beta   90.00
_cell.angle_gamma   90.00
#
_symmetry.space_group_name_H-M   'P 21 21 21'
#
loop_
_entity.id
_entity.type
_entity.pdbx_description
1 polymer 'D-galactose-binding periplasmic protein'
2 non-polymer '(2R)-2,3-dihydroxypropyl beta-D-galactopyranoside'
3 non-polymer 'CALCIUM ION'
4 non-polymer 'THIOCYANATE ION'
5 non-polymer 'SODIUM ION'
6 water water
#
_entity_poly.entity_id   1
_entity_poly.type   'polypeptide(L)'
_entity_poly.pdbx_seq_one_letter_code
;ADTRIGVTIYKYDDNFMSVVRKAIEKDGKSAPDVQLLMNDSQNDQSKQNDQIDVLLAKGVKALAINLVDPAAAGTVIEKA
RGQNVPVVFFNKEPSRKALDSYDKAYYVGTDSKESGVIQGDLIAKHWQANQGWDLNKDGKIQYVLLKGEPGHPDAEARTT
YVVKELNDKGIQTEQLALDTAMWDTAQAKDKMDAWLSGPNANKIEVVIANNDAMAMGAVEALKAHNKSSIPVFGVDALPE
ALALVKSGAMAGTVLNDANNQAKATFDLAKNLAEGKGAADGTSWKIENKIVRVPYVGVDKDNLSEFTQK
;
_entity_poly.pdbx_strand_id   A,B
#
# COMPACT_ATOMS: atom_id res chain seq x y z
N THR A 3 -15.00 19.47 -14.56
CA THR A 3 -13.70 18.96 -14.04
C THR A 3 -12.77 18.67 -15.20
N ARG A 4 -11.79 19.54 -15.41
CA ARG A 4 -10.88 19.41 -16.55
C ARG A 4 -9.57 18.73 -16.13
N ILE A 5 -9.18 17.72 -16.90
CA ILE A 5 -8.00 16.95 -16.57
C ILE A 5 -7.04 16.97 -17.76
N GLY A 6 -5.82 17.44 -17.53
CA GLY A 6 -4.83 17.46 -18.59
C GLY A 6 -4.11 16.12 -18.69
N VAL A 7 -3.89 15.66 -19.92
CA VAL A 7 -3.27 14.37 -20.18
C VAL A 7 -2.22 14.54 -21.24
N THR A 8 -0.99 14.10 -20.94
CA THR A 8 0.07 14.06 -21.95
C THR A 8 0.41 12.60 -22.24
N ILE A 9 0.61 12.29 -23.53
CA ILE A 9 0.98 10.95 -24.01
C ILE A 9 2.35 11.19 -24.64
N TYR A 10 3.37 10.42 -24.26
CA TYR A 10 4.74 10.83 -24.65
C TYR A 10 4.92 10.94 -26.17
N LYS A 11 4.27 10.04 -26.91
CA LYS A 11 4.10 10.19 -28.35
C LYS A 11 2.95 9.30 -28.83
N TYR A 12 2.06 9.89 -29.61
CA TYR A 12 0.91 9.16 -30.12
C TYR A 12 1.36 8.01 -31.01
N ASP A 13 2.56 8.15 -31.60
CA ASP A 13 3.13 7.13 -32.49
C ASP A 13 3.41 5.78 -31.81
N ASP A 14 3.41 5.76 -30.48
CA ASP A 14 3.80 4.55 -29.76
C ASP A 14 2.62 3.56 -29.71
N ASN A 15 2.83 2.35 -30.21
CA ASN A 15 1.74 1.38 -30.38
C ASN A 15 0.96 1.09 -29.11
N PHE A 16 1.67 0.67 -28.08
CA PHE A 16 1.01 0.30 -26.84
C PHE A 16 0.37 1.51 -26.15
N MET A 17 1.04 2.66 -26.16
CA MET A 17 0.44 3.83 -25.55
C MET A 17 -0.77 4.31 -26.34
N SER A 18 -0.86 3.91 -27.61
CA SER A 18 -2.08 4.11 -28.39
C SER A 18 -3.27 3.37 -27.76
N VAL A 19 -3.06 2.12 -27.38
CA VAL A 19 -4.11 1.34 -26.74
C VAL A 19 -4.54 2.01 -25.42
N VAL A 20 -3.55 2.38 -24.62
CA VAL A 20 -3.80 3.05 -23.35
C VAL A 20 -4.52 4.38 -23.52
N ARG A 21 -4.07 5.19 -24.48
CA ARG A 21 -4.69 6.48 -24.70
C ARG A 21 -6.17 6.35 -25.08
N LYS A 22 -6.48 5.46 -26.00
CA LYS A 22 -7.87 5.31 -26.43
C LYS A 22 -8.73 4.84 -25.26
N ALA A 23 -8.20 3.93 -24.46
CA ALA A 23 -8.95 3.46 -23.27
C ALA A 23 -9.25 4.61 -22.30
N ILE A 24 -8.25 5.46 -22.05
CA ILE A 24 -8.45 6.63 -21.18
C ILE A 24 -9.49 7.57 -21.77
N GLU A 25 -9.40 7.82 -23.06
CA GLU A 25 -10.36 8.70 -23.70
C GLU A 25 -11.78 8.16 -23.57
N LYS A 26 -11.95 6.86 -23.74
CA LYS A 26 -13.25 6.23 -23.56
C LYS A 26 -13.83 6.53 -22.16
N ASP A 27 -12.98 6.38 -21.15
CA ASP A 27 -13.33 6.72 -19.76
C ASP A 27 -13.81 8.17 -19.67
N GLY A 28 -13.10 9.07 -20.35
CA GLY A 28 -13.42 10.49 -20.29
C GLY A 28 -14.71 10.85 -20.98
N LYS A 29 -14.94 10.28 -22.15
CA LYS A 29 -16.17 10.50 -22.90
C LYS A 29 -17.38 10.10 -22.07
N SER A 30 -17.24 9.01 -21.33
CA SER A 30 -18.31 8.41 -20.56
C SER A 30 -18.65 9.18 -19.27
N ALA A 31 -17.66 9.84 -18.69
CA ALA A 31 -17.89 10.65 -17.50
C ALA A 31 -18.50 11.97 -17.91
N PRO A 32 -19.78 12.18 -17.60
CA PRO A 32 -20.40 13.41 -18.06
C PRO A 32 -19.76 14.64 -17.40
N ASP A 33 -19.18 14.44 -16.23
CA ASP A 33 -18.64 15.54 -15.44
C ASP A 33 -17.17 15.91 -15.74
N VAL A 34 -16.50 15.17 -16.61
CA VAL A 34 -15.07 15.32 -16.85
C VAL A 34 -14.75 15.67 -18.30
N GLN A 35 -13.79 16.57 -18.49
CA GLN A 35 -13.29 16.89 -19.81
C GLN A 35 -11.80 16.62 -19.85
N LEU A 36 -11.35 15.73 -20.74
CA LEU A 36 -9.91 15.49 -20.90
C LEU A 36 -9.32 16.43 -21.93
N LEU A 37 -8.17 17.02 -21.61
CA LEU A 37 -7.46 17.84 -22.57
C LEU A 37 -6.26 17.03 -23.04
N MET A 38 -6.38 16.42 -24.22
CA MET A 38 -5.40 15.44 -24.70
C MET A 38 -4.21 16.09 -25.39
N ASN A 39 -3.00 15.65 -25.07
CA ASN A 39 -1.80 16.21 -25.69
C ASN A 39 -0.84 15.14 -26.22
N ASP A 40 -0.41 15.31 -27.47
CA ASP A 40 0.67 14.49 -28.03
C ASP A 40 1.99 15.26 -27.84
N SER A 41 2.87 14.74 -27.00
CA SER A 41 4.14 15.40 -26.72
C SER A 41 5.19 15.15 -27.82
N GLN A 42 4.85 14.32 -28.80
CA GLN A 42 5.72 14.16 -29.97
C GLN A 42 7.14 13.71 -29.61
N ASN A 43 7.25 12.89 -28.59
CA ASN A 43 8.52 12.31 -28.21
C ASN A 43 9.57 13.34 -27.82
N ASP A 44 9.12 14.45 -27.23
CA ASP A 44 10.04 15.54 -26.89
C ASP A 44 9.65 16.12 -25.53
N GLN A 45 10.47 15.88 -24.53
CA GLN A 45 10.13 16.33 -23.18
C GLN A 45 9.97 17.85 -23.10
N SER A 46 10.74 18.60 -23.88
CA SER A 46 10.61 20.05 -23.81
C SER A 46 9.26 20.49 -24.37
N LYS A 47 8.76 19.80 -25.40
CA LYS A 47 7.42 20.04 -25.86
C LYS A 47 6.39 19.69 -24.79
N GLN A 48 6.64 18.59 -24.08
CA GLN A 48 5.73 18.19 -23.02
C GLN A 48 5.70 19.24 -21.92
N ASN A 49 6.86 19.75 -21.54
CA ASN A 49 6.92 20.73 -20.45
C ASN A 49 6.11 21.98 -20.79
N ASP A 50 6.24 22.44 -22.04
CA ASP A 50 5.44 23.56 -22.54
C ASP A 50 3.95 23.27 -22.54
N GLN A 51 3.58 22.06 -22.93
CA GLN A 51 2.18 21.63 -22.91
C GLN A 51 1.62 21.63 -21.49
N ILE A 52 2.44 21.20 -20.54
CA ILE A 52 2.02 21.22 -19.14
C ILE A 52 1.81 22.67 -18.64
N ASP A 53 2.70 23.59 -19.02
CA ASP A 53 2.50 25.00 -18.67
C ASP A 53 1.16 25.50 -19.18
N VAL A 54 0.85 25.17 -20.43
CA VAL A 54 -0.39 25.63 -21.03
C VAL A 54 -1.60 25.05 -20.28
N LEU A 55 -1.53 23.76 -19.95
CA LEU A 55 -2.62 23.09 -19.23
C LEU A 55 -2.89 23.79 -17.92
N LEU A 56 -1.82 24.08 -17.18
CA LEU A 56 -1.97 24.71 -15.87
C LEU A 56 -2.45 26.16 -16.02
N ALA A 57 -2.03 26.82 -17.08
CA ALA A 57 -2.50 28.17 -17.35
C ALA A 57 -4.01 28.14 -17.63
N LYS A 58 -4.47 27.05 -18.24
CA LYS A 58 -5.89 26.90 -18.59
C LYS A 58 -6.74 26.46 -17.42
N GLY A 59 -6.11 26.00 -16.34
CA GLY A 59 -6.79 25.73 -15.07
C GLY A 59 -7.30 24.32 -14.79
N VAL A 60 -6.54 23.31 -15.19
CA VAL A 60 -6.94 21.93 -14.92
C VAL A 60 -6.91 21.59 -13.42
N LYS A 61 -7.69 20.58 -13.03
CA LYS A 61 -7.80 20.15 -11.63
C LYS A 61 -6.90 18.94 -11.33
N ALA A 62 -6.39 18.31 -12.38
CA ALA A 62 -5.46 17.21 -12.23
C ALA A 62 -4.67 17.06 -13.52
N LEU A 63 -3.52 16.40 -13.43
CA LEU A 63 -2.73 16.08 -14.60
C LEU A 63 -2.47 14.57 -14.61
N ALA A 64 -2.60 13.95 -15.77
CA ALA A 64 -2.22 12.56 -15.96
C ALA A 64 -1.13 12.62 -17.01
N ILE A 65 0.08 12.26 -16.58
CA ILE A 65 1.28 12.52 -17.37
C ILE A 65 2.01 11.24 -17.72
N ASN A 66 2.10 10.97 -19.01
CA ASN A 66 2.97 9.93 -19.55
C ASN A 66 4.26 10.61 -20.04
N LEU A 67 5.30 10.53 -19.21
CA LEU A 67 6.54 11.27 -19.42
C LEU A 67 7.30 10.82 -20.67
N VAL A 68 7.92 11.78 -21.36
CA VAL A 68 8.85 11.41 -22.42
C VAL A 68 10.11 10.84 -21.74
N ASP A 69 10.65 11.61 -20.79
CA ASP A 69 11.83 11.18 -20.02
C ASP A 69 11.50 10.97 -18.54
N PRO A 70 11.60 9.71 -18.05
CA PRO A 70 11.29 9.41 -16.65
C PRO A 70 11.93 10.38 -15.69
N ALA A 71 13.09 10.92 -16.08
CA ALA A 71 13.88 11.74 -15.18
C ALA A 71 13.31 13.14 -15.05
N ALA A 72 12.37 13.51 -15.93
CA ALA A 72 11.76 14.83 -15.81
C ALA A 72 10.60 14.89 -14.82
N ALA A 73 10.38 13.82 -14.06
CA ALA A 73 9.27 13.79 -13.12
C ALA A 73 9.32 14.96 -12.16
N GLY A 74 10.49 15.20 -11.58
CA GLY A 74 10.67 16.31 -10.63
C GLY A 74 10.26 17.66 -11.20
N THR A 75 10.72 17.94 -12.42
CA THR A 75 10.35 19.16 -13.11
C THR A 75 8.84 19.32 -13.25
N VAL A 76 8.18 18.26 -13.69
CA VAL A 76 6.73 18.29 -13.88
C VAL A 76 6.04 18.49 -12.53
N ILE A 77 6.49 17.76 -11.52
CA ILE A 77 5.93 17.92 -10.18
C ILE A 77 6.02 19.38 -9.70
N GLU A 78 7.18 20.02 -9.90
CA GLU A 78 7.31 21.40 -9.44
C GLU A 78 6.38 22.37 -10.20
N LYS A 79 6.09 22.08 -11.47
CA LYS A 79 5.07 22.84 -12.19
C LYS A 79 3.70 22.67 -11.52
N ALA A 80 3.33 21.43 -11.24
CA ALA A 80 2.02 21.14 -10.69
C ALA A 80 1.84 21.71 -9.28
N ARG A 81 2.92 21.76 -8.52
CA ARG A 81 2.92 22.29 -7.15
C ARG A 81 2.46 23.76 -7.14
N GLY A 82 2.76 24.48 -8.21
CA GLY A 82 2.40 25.91 -8.31
C GLY A 82 0.92 26.20 -8.12
N GLN A 83 0.08 25.21 -8.43
CA GLN A 83 -1.36 25.35 -8.23
C GLN A 83 -1.91 24.24 -7.35
N ASN A 84 -1.01 23.53 -6.69
CA ASN A 84 -1.39 22.38 -5.88
C ASN A 84 -2.22 21.36 -6.65
N VAL A 85 -1.85 21.16 -7.91
CA VAL A 85 -2.55 20.21 -8.76
C VAL A 85 -1.96 18.81 -8.58
N PRO A 86 -2.82 17.79 -8.45
CA PRO A 86 -2.31 16.43 -8.35
C PRO A 86 -1.80 15.95 -9.70
N VAL A 87 -0.81 15.05 -9.69
CA VAL A 87 -0.27 14.48 -10.90
C VAL A 87 -0.29 12.97 -10.78
N VAL A 88 -0.97 12.33 -11.72
CA VAL A 88 -0.89 10.89 -11.83
C VAL A 88 0.02 10.56 -13.00
N PHE A 89 1.25 10.16 -12.69
CA PHE A 89 2.16 9.70 -13.75
C PHE A 89 1.73 8.29 -14.17
N PHE A 90 1.96 7.94 -15.43
CA PHE A 90 1.67 6.58 -15.86
C PHE A 90 2.58 6.08 -16.98
N ASN A 91 2.82 4.77 -16.98
CA ASN A 91 3.53 4.08 -18.07
C ASN A 91 5.06 4.19 -18.08
N LYS A 92 5.61 5.34 -17.68
CA LYS A 92 7.04 5.48 -17.44
C LYS A 92 7.25 5.88 -15.97
N GLU A 93 7.82 4.99 -15.18
CA GLU A 93 7.90 5.20 -13.72
C GLU A 93 9.01 6.16 -13.30
N PRO A 94 8.65 7.23 -12.56
CA PRO A 94 9.64 8.13 -11.99
C PRO A 94 10.40 7.43 -10.86
N SER A 95 11.52 8.02 -10.44
CA SER A 95 12.23 7.51 -9.30
C SER A 95 11.34 7.59 -8.07
N ARG A 96 11.56 6.70 -7.11
CA ARG A 96 10.80 6.76 -5.87
C ARG A 96 11.04 8.11 -5.22
N LYS A 97 12.28 8.61 -5.31
CA LYS A 97 12.62 9.91 -4.73
C LYS A 97 11.77 11.02 -5.35
N ALA A 98 11.58 11.01 -6.67
CA ALA A 98 10.72 12.02 -7.29
C ALA A 98 9.25 11.86 -6.85
N LEU A 99 8.71 10.64 -6.91
CA LEU A 99 7.34 10.43 -6.46
C LEU A 99 7.11 10.86 -5.01
N ASP A 100 8.06 10.52 -4.14
CA ASP A 100 8.01 10.89 -2.72
C ASP A 100 8.17 12.39 -2.46
N SER A 101 8.52 13.15 -3.48
CA SER A 101 8.79 14.58 -3.28
C SER A 101 7.50 15.41 -3.22
N TYR A 102 6.36 14.79 -3.49
CA TYR A 102 5.11 15.54 -3.58
C TYR A 102 3.99 14.75 -2.95
N ASP A 103 3.17 15.41 -2.14
CA ASP A 103 2.05 14.75 -1.48
C ASP A 103 1.02 14.20 -2.45
N LYS A 104 1.00 14.73 -3.67
CA LYS A 104 -0.03 14.40 -4.65
C LYS A 104 0.53 13.83 -5.95
N ALA A 105 1.70 13.19 -5.88
CA ALA A 105 2.23 12.53 -7.07
C ALA A 105 2.02 11.02 -6.97
N TYR A 106 1.35 10.47 -7.98
CA TYR A 106 0.96 9.06 -8.02
C TYR A 106 1.57 8.44 -9.26
N TYR A 107 1.63 7.12 -9.31
CA TYR A 107 2.10 6.44 -10.51
C TYR A 107 1.30 5.17 -10.78
N VAL A 108 0.94 4.95 -12.03
CA VAL A 108 0.22 3.73 -12.41
C VAL A 108 1.05 3.00 -13.42
N GLY A 109 1.36 1.73 -13.15
CA GLY A 109 2.25 0.98 -14.02
C GLY A 109 2.11 -0.51 -13.81
N THR A 110 3.26 -1.17 -13.79
CA THR A 110 3.38 -2.61 -13.67
C THR A 110 4.56 -2.95 -12.78
N ASP A 111 4.66 -4.22 -12.41
CA ASP A 111 5.88 -4.72 -11.78
C ASP A 111 6.82 -5.05 -12.93
N SER A 112 7.78 -4.15 -13.19
CA SER A 112 8.59 -4.22 -14.43
C SER A 112 9.29 -5.56 -14.63
N LYS A 113 9.87 -6.11 -13.57
CA LYS A 113 10.61 -7.37 -13.70
C LYS A 113 9.73 -8.53 -14.12
N GLU A 114 8.45 -8.49 -13.75
CA GLU A 114 7.54 -9.61 -13.99
C GLU A 114 7.44 -10.05 -15.44
N SER A 115 7.37 -9.09 -16.37
CA SER A 115 7.25 -9.40 -17.79
C SER A 115 8.53 -10.02 -18.35
N GLY A 116 9.68 -9.61 -17.82
CA GLY A 116 10.94 -10.24 -18.21
C GLY A 116 10.97 -11.70 -17.77
N VAL A 117 10.55 -11.94 -16.53
CA VAL A 117 10.48 -13.32 -16.01
C VAL A 117 9.52 -14.20 -16.83
N ILE A 118 8.33 -13.68 -17.12
CA ILE A 118 7.32 -14.42 -17.91
C ILE A 118 7.87 -14.70 -19.31
N GLN A 119 8.48 -13.68 -19.91
CA GLN A 119 9.07 -13.83 -21.23
C GLN A 119 10.20 -14.87 -21.27
N GLY A 120 11.04 -14.88 -20.23
CA GLY A 120 12.12 -15.86 -20.13
C GLY A 120 11.59 -17.27 -19.98
N ASP A 121 10.49 -17.40 -19.23
CA ASP A 121 9.82 -18.69 -19.07
C ASP A 121 9.18 -19.22 -20.36
N LEU A 122 8.61 -18.32 -21.17
CA LEU A 122 8.09 -18.71 -22.47
C LEU A 122 9.22 -19.18 -23.37
N ILE A 123 10.31 -18.44 -23.38
CA ILE A 123 11.43 -18.82 -24.24
C ILE A 123 11.98 -20.18 -23.81
N ALA A 124 12.11 -20.39 -22.50
CA ALA A 124 12.63 -21.66 -21.98
C ALA A 124 11.75 -22.82 -22.41
N LYS A 125 10.44 -22.61 -22.33
CA LYS A 125 9.44 -23.61 -22.70
C LYS A 125 9.54 -24.00 -24.18
N HIS A 126 9.54 -23.00 -25.07
CA HIS A 126 9.67 -23.29 -26.49
C HIS A 126 11.05 -23.82 -26.86
N TRP A 127 12.09 -23.32 -26.22
CA TRP A 127 13.46 -23.86 -26.42
C TRP A 127 13.54 -25.36 -26.16
N GLN A 128 12.99 -25.79 -25.02
CA GLN A 128 12.99 -27.22 -24.67
C GLN A 128 12.19 -28.05 -25.68
N ALA A 129 11.09 -27.48 -26.16
CA ALA A 129 10.18 -28.18 -27.07
C ALA A 129 10.69 -28.20 -28.50
N ASN A 130 11.68 -27.36 -28.78
CA ASN A 130 12.16 -27.20 -30.15
C ASN A 130 13.67 -27.31 -30.24
N GLN A 131 14.19 -28.53 -30.06
CA GLN A 131 15.65 -28.66 -30.01
C GLN A 131 16.33 -28.23 -31.31
N GLY A 132 15.58 -28.22 -32.40
CA GLY A 132 16.09 -27.77 -33.70
C GLY A 132 16.50 -26.31 -33.68
N TRP A 133 15.98 -25.57 -32.72
CA TRP A 133 16.33 -24.15 -32.60
C TRP A 133 17.79 -23.98 -32.24
N ASP A 134 18.37 -24.98 -31.59
CA ASP A 134 19.77 -24.90 -31.17
C ASP A 134 20.65 -25.14 -32.39
N LEU A 135 20.75 -24.12 -33.23
CA LEU A 135 21.34 -24.26 -34.56
C LEU A 135 22.74 -24.85 -34.55
N ASN A 136 23.56 -24.45 -33.59
CA ASN A 136 24.95 -24.91 -33.52
C ASN A 136 25.16 -26.02 -32.49
N LYS A 137 24.07 -26.54 -31.95
CA LYS A 137 24.11 -27.68 -31.04
C LYS A 137 25.10 -27.54 -29.87
N ASP A 138 25.16 -26.37 -29.26
CA ASP A 138 26.06 -26.17 -28.12
C ASP A 138 25.30 -26.13 -26.79
N GLY A 139 23.99 -26.34 -26.87
CA GLY A 139 23.16 -26.34 -25.67
C GLY A 139 22.87 -24.95 -25.14
N LYS A 140 23.34 -23.93 -25.85
CA LYS A 140 23.13 -22.56 -25.39
C LYS A 140 22.25 -21.81 -26.37
N ILE A 141 21.57 -20.79 -25.90
CA ILE A 141 20.82 -19.91 -26.81
C ILE A 141 21.70 -18.77 -27.25
N GLN A 142 22.02 -18.72 -28.54
CA GLN A 142 22.63 -17.53 -29.12
C GLN A 142 21.51 -16.59 -29.52
N TYR A 143 21.46 -15.43 -28.88
CA TYR A 143 20.34 -14.54 -29.06
C TYR A 143 20.78 -13.14 -29.43
N VAL A 144 19.86 -12.36 -29.99
CA VAL A 144 20.08 -10.92 -30.09
C VAL A 144 18.92 -10.26 -29.37
N LEU A 145 19.15 -9.08 -28.82
CA LEU A 145 18.11 -8.45 -28.02
C LEU A 145 17.82 -7.04 -28.51
N LEU A 146 16.54 -6.78 -28.80
CA LEU A 146 16.10 -5.44 -29.19
C LEU A 146 15.56 -4.73 -27.96
N LYS A 147 16.27 -3.71 -27.49
CA LYS A 147 15.97 -3.06 -26.23
C LYS A 147 15.08 -1.84 -26.38
N GLY A 148 14.31 -1.54 -25.34
CA GLY A 148 13.49 -0.32 -25.34
C GLY A 148 14.38 0.90 -25.07
N GLU A 149 13.79 2.03 -24.72
CA GLU A 149 14.60 3.22 -24.43
C GLU A 149 15.53 2.96 -23.26
N PRO A 150 16.83 3.25 -23.43
CA PRO A 150 17.75 3.13 -22.31
C PRO A 150 17.24 3.95 -21.11
N GLY A 151 17.36 3.40 -19.91
CA GLY A 151 16.94 4.10 -18.68
C GLY A 151 15.46 3.92 -18.34
N HIS A 152 14.68 3.47 -19.32
CA HIS A 152 13.27 3.22 -19.08
C HIS A 152 13.20 1.99 -18.17
N PRO A 153 12.56 2.12 -17.00
CA PRO A 153 12.56 1.01 -16.05
C PRO A 153 12.11 -0.33 -16.68
N ASP A 154 11.17 -0.29 -17.62
CA ASP A 154 10.73 -1.53 -18.27
C ASP A 154 11.74 -2.09 -19.28
N ALA A 155 12.44 -1.23 -19.99
CA ALA A 155 13.50 -1.70 -20.90
C ALA A 155 14.61 -2.35 -20.09
N GLU A 156 14.99 -1.70 -18.99
CA GLU A 156 16.05 -2.25 -18.15
C GLU A 156 15.65 -3.58 -17.52
N ALA A 157 14.48 -3.64 -16.92
CA ALA A 157 14.00 -4.86 -16.26
C ALA A 157 13.80 -6.02 -17.24
N ARG A 158 13.11 -5.75 -18.34
CA ARG A 158 12.80 -6.82 -19.29
C ARG A 158 14.08 -7.42 -19.87
N THR A 159 15.05 -6.55 -20.10
CA THR A 159 16.32 -6.96 -20.68
C THR A 159 17.12 -7.81 -19.68
N THR A 160 17.17 -7.36 -18.43
CA THR A 160 17.89 -8.08 -17.37
C THR A 160 17.21 -9.41 -17.03
N TYR A 161 15.89 -9.37 -16.83
CA TYR A 161 15.17 -10.51 -16.27
C TYR A 161 14.84 -11.62 -17.28
N VAL A 162 14.75 -11.28 -18.55
CA VAL A 162 14.51 -12.34 -19.52
C VAL A 162 15.73 -13.27 -19.54
N VAL A 163 16.94 -12.70 -19.53
CA VAL A 163 18.15 -13.50 -19.53
C VAL A 163 18.38 -14.20 -18.19
N LYS A 164 18.20 -13.46 -17.10
CA LYS A 164 18.38 -14.05 -15.77
C LYS A 164 17.45 -15.25 -15.59
N GLU A 165 16.21 -15.14 -16.06
CA GLU A 165 15.24 -16.21 -15.91
C GLU A 165 15.63 -17.47 -16.69
N LEU A 166 16.04 -17.31 -17.94
CA LEU A 166 16.57 -18.42 -18.71
C LEU A 166 17.77 -19.07 -17.99
N ASN A 167 18.69 -18.24 -17.52
CA ASN A 167 19.89 -18.76 -16.85
C ASN A 167 19.54 -19.50 -15.57
N ASP A 168 18.67 -18.91 -14.76
CA ASP A 168 18.16 -19.54 -13.53
C ASP A 168 17.44 -20.86 -13.78
N LYS A 169 16.78 -20.98 -14.93
CA LYS A 169 16.12 -22.23 -15.29
C LYS A 169 17.11 -23.23 -15.89
N GLY A 170 18.39 -22.89 -15.89
CA GLY A 170 19.43 -23.82 -16.33
C GLY A 170 19.70 -23.77 -17.82
N ILE A 171 19.28 -22.70 -18.46
CA ILE A 171 19.55 -22.55 -19.89
C ILE A 171 20.60 -21.46 -20.07
N GLN A 172 21.79 -21.85 -20.50
CA GLN A 172 22.86 -20.89 -20.74
C GLN A 172 22.56 -20.12 -22.02
N THR A 173 23.13 -18.92 -22.11
CA THR A 173 22.80 -18.02 -23.21
C THR A 173 24.05 -17.26 -23.63
N GLU A 174 24.08 -16.84 -24.89
CA GLU A 174 25.15 -16.00 -25.38
C GLU A 174 24.57 -14.83 -26.17
N GLN A 175 24.88 -13.62 -25.72
CA GLN A 175 24.43 -12.41 -26.41
C GLN A 175 25.30 -12.12 -27.63
N LEU A 176 24.77 -12.34 -28.82
CA LEU A 176 25.50 -12.02 -30.04
C LEU A 176 25.50 -10.52 -30.27
N ALA A 177 24.38 -9.87 -29.93
CA ALA A 177 24.28 -8.43 -30.09
C ALA A 177 23.08 -7.91 -29.32
N LEU A 178 23.17 -6.65 -28.92
CA LEU A 178 22.07 -5.94 -28.28
C LEU A 178 22.12 -4.49 -28.72
N ASP A 179 20.96 -3.92 -29.03
CA ASP A 179 20.88 -2.49 -29.28
C ASP A 179 19.45 -2.04 -29.02
N THR A 180 19.29 -0.75 -28.79
CA THR A 180 17.96 -0.22 -28.58
C THR A 180 17.31 0.13 -29.91
N ALA A 181 16.02 -0.18 -30.03
CA ALA A 181 15.22 0.31 -31.15
C ALA A 181 14.17 1.27 -30.59
N MET A 182 14.34 1.69 -29.34
CA MET A 182 13.49 2.77 -28.80
C MET A 182 11.97 2.48 -28.86
N TRP A 183 11.60 1.21 -28.70
CA TRP A 183 10.19 0.79 -28.68
C TRP A 183 9.52 0.82 -30.08
N ASP A 184 10.31 1.15 -31.10
CA ASP A 184 9.78 1.51 -32.44
C ASP A 184 9.89 0.38 -33.48
N THR A 185 8.84 0.17 -34.26
CA THR A 185 8.87 -0.91 -35.28
C THR A 185 9.92 -0.66 -36.34
N ALA A 186 9.93 0.54 -36.92
CA ALA A 186 10.85 0.79 -38.04
C ALA A 186 12.34 0.70 -37.64
N GLN A 187 12.69 1.25 -36.48
CA GLN A 187 14.06 1.20 -36.01
C GLN A 187 14.50 -0.23 -35.76
N ALA A 188 13.58 -1.03 -35.22
CA ALA A 188 13.83 -2.45 -34.98
C ALA A 188 14.06 -3.20 -36.28
N LYS A 189 13.24 -2.91 -37.28
CA LYS A 189 13.43 -3.55 -38.56
C LYS A 189 14.87 -3.29 -39.06
N ASP A 190 15.31 -2.03 -39.00
CA ASP A 190 16.66 -1.66 -39.45
C ASP A 190 17.80 -2.31 -38.64
N LYS A 191 17.64 -2.41 -37.32
CA LYS A 191 18.66 -3.04 -36.49
CA LYS A 191 18.66 -3.04 -36.49
C LYS A 191 18.72 -4.54 -36.77
C LYS A 191 18.72 -4.54 -36.76
N MET A 192 17.56 -5.18 -36.88
CA MET A 192 17.52 -6.63 -37.15
C MET A 192 18.07 -6.93 -38.55
N ASP A 193 17.78 -6.02 -39.48
CA ASP A 193 18.27 -6.12 -40.86
C ASP A 193 19.80 -6.15 -40.83
N ALA A 194 20.39 -5.19 -40.13
CA ALA A 194 21.84 -5.11 -40.01
C ALA A 194 22.43 -6.41 -39.44
N TRP A 195 21.83 -6.90 -38.35
CA TRP A 195 22.31 -8.14 -37.75
C TRP A 195 22.21 -9.31 -38.73
N LEU A 196 21.15 -9.34 -39.54
CA LEU A 196 20.99 -10.42 -40.50
C LEU A 196 21.94 -10.25 -41.69
N SER A 197 22.56 -9.07 -41.79
CA SER A 197 23.49 -8.79 -42.89
C SER A 197 24.97 -8.82 -42.46
N GLY A 198 25.20 -9.09 -41.17
CA GLY A 198 26.57 -9.15 -40.67
C GLY A 198 27.11 -10.56 -40.56
N PRO A 199 28.37 -10.67 -40.12
CA PRO A 199 29.10 -11.94 -40.00
C PRO A 199 28.45 -12.93 -39.03
N ASN A 200 27.67 -12.42 -38.07
CA ASN A 200 26.98 -13.32 -37.13
C ASN A 200 25.59 -13.79 -37.57
N ALA A 201 25.15 -13.36 -38.74
CA ALA A 201 23.81 -13.69 -39.23
C ALA A 201 23.36 -15.14 -38.95
N ASN A 202 24.13 -16.12 -39.42
CA ASN A 202 23.71 -17.52 -39.35
C ASN A 202 23.85 -18.16 -37.96
N LYS A 203 24.35 -17.40 -36.99
CA LYS A 203 24.49 -17.89 -35.61
C LYS A 203 23.29 -17.53 -34.71
N ILE A 204 22.45 -16.62 -35.18
CA ILE A 204 21.28 -16.15 -34.41
C ILE A 204 20.22 -17.23 -34.29
N GLU A 205 19.89 -17.59 -33.05
CA GLU A 205 18.93 -18.66 -32.80
C GLU A 205 17.57 -18.17 -32.30
N VAL A 206 17.57 -17.07 -31.55
CA VAL A 206 16.34 -16.52 -31.00
C VAL A 206 16.45 -14.99 -31.01
N VAL A 207 15.36 -14.33 -31.37
CA VAL A 207 15.28 -12.87 -31.27
C VAL A 207 14.45 -12.51 -30.03
N ILE A 208 15.05 -11.75 -29.12
CA ILE A 208 14.30 -11.30 -27.94
C ILE A 208 14.03 -9.81 -28.05
N ALA A 209 12.77 -9.41 -28.02
CA ALA A 209 12.43 -7.97 -28.07
C ALA A 209 11.72 -7.49 -26.80
N ASN A 210 12.06 -6.30 -26.32
CA ASN A 210 11.45 -5.74 -25.11
C ASN A 210 9.98 -5.39 -25.33
N ASN A 211 9.56 -5.25 -26.58
CA ASN A 211 8.13 -5.07 -26.88
C ASN A 211 7.72 -5.65 -28.23
N ASP A 212 6.41 -5.68 -28.47
CA ASP A 212 5.81 -6.20 -29.71
C ASP A 212 6.11 -5.34 -30.93
N ALA A 213 6.06 -4.01 -30.78
CA ALA A 213 6.40 -3.13 -31.90
C ALA A 213 7.77 -3.49 -32.46
N MET A 214 8.74 -3.69 -31.57
CA MET A 214 10.08 -4.03 -32.04
C MET A 214 10.15 -5.46 -32.57
N ALA A 215 9.45 -6.38 -31.91
CA ALA A 215 9.33 -7.74 -32.44
C ALA A 215 8.79 -7.72 -33.88
N MET A 216 7.77 -6.89 -34.10
CA MET A 216 7.16 -6.79 -35.42
C MET A 216 8.16 -6.33 -36.50
N GLY A 217 9.01 -5.37 -36.14
CA GLY A 217 10.08 -4.91 -37.03
C GLY A 217 11.02 -6.07 -37.36
N ALA A 218 11.37 -6.85 -36.35
CA ALA A 218 12.30 -7.96 -36.56
C ALA A 218 11.69 -9.01 -37.48
N VAL A 219 10.39 -9.25 -37.32
CA VAL A 219 9.69 -10.22 -38.13
C VAL A 219 9.77 -9.82 -39.62
N GLU A 220 9.53 -8.56 -39.89
CA GLU A 220 9.70 -8.01 -41.25
C GLU A 220 11.10 -8.25 -41.80
N ALA A 221 12.11 -7.99 -40.98
CA ALA A 221 13.49 -8.16 -41.40
C ALA A 221 13.83 -9.62 -41.67
N LEU A 222 13.43 -10.49 -40.76
CA LEU A 222 13.63 -11.93 -40.94
C LEU A 222 13.04 -12.36 -42.28
N LYS A 223 11.86 -11.84 -42.60
CA LYS A 223 11.19 -12.16 -43.86
C LYS A 223 12.02 -11.71 -45.07
N ALA A 224 12.54 -10.49 -45.00
CA ALA A 224 13.31 -9.92 -46.08
C ALA A 224 14.57 -10.74 -46.33
N HIS A 225 15.04 -11.42 -45.28
CA HIS A 225 16.26 -12.21 -45.36
C HIS A 225 16.02 -13.72 -45.52
N ASN A 226 14.77 -14.12 -45.68
CA ASN A 226 14.48 -15.55 -45.78
C ASN A 226 14.89 -16.33 -44.53
N LYS A 227 14.68 -15.72 -43.36
CA LYS A 227 15.09 -16.34 -42.12
C LYS A 227 13.97 -16.39 -41.11
N SER A 228 12.75 -16.61 -41.59
CA SER A 228 11.57 -16.59 -40.71
C SER A 228 11.50 -17.83 -39.82
N SER A 229 12.46 -18.73 -39.97
CA SER A 229 12.55 -19.90 -39.10
C SER A 229 13.08 -19.52 -37.70
N ILE A 230 13.68 -18.34 -37.59
CA ILE A 230 14.19 -17.85 -36.30
C ILE A 230 13.03 -17.31 -35.49
N PRO A 231 12.86 -17.84 -34.27
CA PRO A 231 11.74 -17.45 -33.40
C PRO A 231 11.89 -16.04 -32.83
N VAL A 232 10.75 -15.35 -32.70
CA VAL A 232 10.69 -13.99 -32.17
C VAL A 232 9.75 -13.88 -30.97
N PHE A 233 10.21 -13.28 -29.88
CA PHE A 233 9.40 -13.09 -28.68
C PHE A 233 9.26 -11.60 -28.36
N GLY A 234 8.08 -11.18 -27.92
CA GLY A 234 7.86 -9.78 -27.58
C GLY A 234 7.15 -9.60 -26.24
N VAL A 235 6.70 -8.37 -26.01
CA VAL A 235 5.91 -8.04 -24.84
C VAL A 235 4.86 -7.01 -25.23
N ASP A 236 3.63 -7.22 -24.78
CA ASP A 236 2.52 -6.25 -24.84
C ASP A 236 1.18 -6.92 -25.19
N ALA A 237 1.24 -7.92 -26.07
CA ALA A 237 0.05 -8.51 -26.66
C ALA A 237 -0.77 -7.50 -27.47
N LEU A 238 -0.11 -6.74 -28.34
CA LEU A 238 -0.81 -5.96 -29.35
C LEU A 238 -1.62 -6.89 -30.24
N PRO A 239 -2.79 -6.43 -30.71
CA PRO A 239 -3.59 -7.18 -31.66
C PRO A 239 -2.72 -7.74 -32.80
N GLU A 240 -1.84 -6.91 -33.38
CA GLU A 240 -0.99 -7.35 -34.48
C GLU A 240 -0.04 -8.47 -34.07
N ALA A 241 0.38 -8.44 -32.80
CA ALA A 241 1.32 -9.43 -32.33
C ALA A 241 0.60 -10.74 -32.09
N LEU A 242 -0.63 -10.65 -31.60
CA LEU A 242 -1.45 -11.84 -31.34
C LEU A 242 -1.72 -12.58 -32.65
N ALA A 243 -1.91 -11.82 -33.71
CA ALA A 243 -2.10 -12.39 -35.05
C ALA A 243 -0.84 -13.10 -35.52
N LEU A 244 0.32 -12.57 -35.16
CA LEU A 244 1.60 -13.16 -35.54
C LEU A 244 1.87 -14.43 -34.71
N VAL A 245 1.43 -14.41 -33.45
CA VAL A 245 1.46 -15.60 -32.63
C VAL A 245 0.59 -16.70 -33.26
N LYS A 246 -0.62 -16.35 -33.67
CA LYS A 246 -1.47 -17.31 -34.36
C LYS A 246 -0.82 -17.87 -35.63
N SER A 247 -0.13 -17.02 -36.39
CA SER A 247 0.45 -17.44 -37.67
C SER A 247 1.78 -18.13 -37.48
N GLY A 248 2.30 -18.06 -36.26
CA GLY A 248 3.61 -18.65 -35.95
C GLY A 248 4.78 -17.74 -36.30
N ALA A 249 4.49 -16.52 -36.72
CA ALA A 249 5.53 -15.58 -37.09
C ALA A 249 6.17 -14.98 -35.83
N MET A 250 5.46 -15.07 -34.72
CA MET A 250 6.00 -14.81 -33.38
C MET A 250 5.76 -16.03 -32.51
N ALA A 251 6.69 -16.33 -31.61
CA ALA A 251 6.58 -17.54 -30.79
C ALA A 251 5.92 -17.26 -29.45
N GLY A 252 5.91 -16.01 -29.01
CA GLY A 252 5.33 -15.67 -27.71
C GLY A 252 5.38 -14.18 -27.40
N THR A 253 4.45 -13.75 -26.55
CA THR A 253 4.48 -12.38 -26.06
C THR A 253 3.89 -12.35 -24.65
N VAL A 254 3.66 -11.15 -24.13
CA VAL A 254 3.19 -11.00 -22.77
C VAL A 254 2.09 -9.91 -22.74
N LEU A 255 0.92 -10.24 -22.24
CA LEU A 255 -0.15 -9.25 -22.19
C LEU A 255 0.18 -8.15 -21.19
N ASN A 256 0.28 -6.93 -21.70
CA ASN A 256 0.50 -5.74 -20.88
C ASN A 256 -0.89 -5.13 -20.80
N ASP A 257 -1.42 -5.01 -19.58
CA ASP A 257 -2.87 -4.77 -19.41
C ASP A 257 -3.16 -3.28 -19.55
N ALA A 258 -3.30 -2.85 -20.80
CA ALA A 258 -3.57 -1.45 -21.11
C ALA A 258 -4.90 -0.98 -20.54
N ASN A 259 -5.93 -1.85 -20.58
CA ASN A 259 -7.25 -1.46 -20.10
C ASN A 259 -7.25 -1.12 -18.61
N ASN A 260 -6.60 -1.93 -17.80
CA ASN A 260 -6.59 -1.67 -16.37
C ASN A 260 -5.63 -0.54 -15.94
N GLN A 261 -4.57 -0.36 -16.71
CA GLN A 261 -3.67 0.77 -16.47
C GLN A 261 -4.35 2.08 -16.83
N ALA A 262 -5.11 2.08 -17.93
CA ALA A 262 -5.88 3.26 -18.33
C ALA A 262 -6.94 3.54 -17.30
N LYS A 263 -7.66 2.50 -16.88
CA LYS A 263 -8.70 2.63 -15.87
C LYS A 263 -8.19 3.24 -14.56
N ALA A 264 -7.10 2.70 -14.05
CA ALA A 264 -6.54 3.15 -12.78
C ALA A 264 -6.01 4.57 -12.87
N THR A 265 -5.39 4.90 -13.99
CA THR A 265 -4.92 6.25 -14.24
C THR A 265 -6.09 7.23 -14.22
N PHE A 266 -7.16 6.87 -14.92
CA PHE A 266 -8.31 7.74 -15.00
C PHE A 266 -8.97 7.86 -13.63
N ASP A 267 -9.20 6.74 -12.96
CA ASP A 267 -9.92 6.75 -11.67
C ASP A 267 -9.19 7.61 -10.66
N LEU A 268 -7.87 7.44 -10.56
CA LEU A 268 -7.06 8.16 -9.58
C LEU A 268 -7.02 9.64 -9.93
N ALA A 269 -6.82 9.95 -11.21
CA ALA A 269 -6.82 11.33 -11.65
C ALA A 269 -8.15 12.03 -11.32
N LYS A 270 -9.26 11.37 -11.63
CA LYS A 270 -10.60 11.95 -11.39
C LYS A 270 -10.85 12.18 -9.90
N ASN A 271 -10.57 11.18 -9.08
CA ASN A 271 -10.70 11.33 -7.63
C ASN A 271 -9.89 12.53 -7.13
N LEU A 272 -8.61 12.57 -7.51
CA LEU A 272 -7.72 13.65 -7.06
C LEU A 272 -8.17 15.00 -7.58
N ALA A 273 -8.68 15.02 -8.81
CA ALA A 273 -9.28 16.25 -9.35
C ALA A 273 -10.39 16.79 -8.44
N GLU A 274 -11.06 15.87 -7.76
CA GLU A 274 -12.22 16.23 -6.94
C GLU A 274 -11.83 16.42 -5.48
N GLY A 275 -10.53 16.29 -5.18
CA GLY A 275 -10.04 16.40 -3.81
C GLY A 275 -10.33 15.20 -2.94
N LYS A 276 -10.64 14.05 -3.56
CA LYS A 276 -10.92 12.80 -2.83
C LYS A 276 -9.65 11.94 -2.71
N GLY A 277 -9.67 10.97 -1.80
CA GLY A 277 -8.63 9.97 -1.77
C GLY A 277 -8.51 9.33 -3.15
N ALA A 278 -7.30 9.03 -3.57
CA ALA A 278 -7.05 8.54 -4.92
C ALA A 278 -7.86 7.29 -5.26
N ALA A 279 -8.09 6.43 -4.27
CA ALA A 279 -8.75 5.16 -4.53
C ALA A 279 -10.25 5.15 -4.16
N ASP A 280 -10.83 6.32 -3.90
CA ASP A 280 -12.24 6.35 -3.47
C ASP A 280 -13.15 5.67 -4.49
N GLY A 281 -14.01 4.79 -4.00
CA GLY A 281 -14.99 4.13 -4.86
C GLY A 281 -14.40 3.10 -5.81
N THR A 282 -13.17 2.69 -5.54
CA THR A 282 -12.51 1.70 -6.38
C THR A 282 -11.89 0.60 -5.54
N SER A 283 -11.40 -0.43 -6.24
CA SER A 283 -10.70 -1.52 -5.58
C SER A 283 -9.18 -1.46 -5.78
N TRP A 284 -8.68 -0.35 -6.31
CA TRP A 284 -7.23 -0.23 -6.52
C TRP A 284 -6.44 -0.35 -5.21
N LYS A 285 -5.36 -1.13 -5.23
CA LYS A 285 -4.47 -1.20 -4.08
C LYS A 285 -3.29 -0.28 -4.30
N ILE A 286 -3.38 0.92 -3.73
CA ILE A 286 -2.34 1.91 -3.89
C ILE A 286 -1.33 1.73 -2.75
N GLU A 287 -0.07 1.52 -3.12
CA GLU A 287 0.99 1.35 -2.14
C GLU A 287 2.03 2.46 -2.29
N ASN A 288 2.18 3.28 -1.26
CA ASN A 288 3.04 4.47 -1.34
C ASN A 288 2.82 5.22 -2.67
N LYS A 289 1.54 5.42 -2.99
CA LYS A 289 1.11 6.22 -4.14
C LYS A 289 1.35 5.56 -5.50
N ILE A 290 1.60 4.25 -5.47
CA ILE A 290 1.85 3.49 -6.68
C ILE A 290 0.83 2.37 -6.90
N VAL A 291 0.30 2.28 -8.12
CA VAL A 291 -0.52 1.13 -8.53
C VAL A 291 0.22 0.30 -9.58
N ARG A 292 0.20 -1.03 -9.45
CA ARG A 292 0.84 -1.92 -10.42
C ARG A 292 -0.14 -3.01 -10.88
N VAL A 293 -0.19 -3.24 -12.20
CA VAL A 293 -1.15 -4.13 -12.85
C VAL A 293 -0.42 -5.35 -13.45
N PRO A 294 -0.84 -6.57 -13.07
CA PRO A 294 -0.12 -7.79 -13.50
C PRO A 294 -0.02 -7.99 -15.01
N TYR A 295 1.08 -8.62 -15.45
CA TYR A 295 1.24 -9.12 -16.81
C TYR A 295 0.79 -10.59 -16.85
N VAL A 296 0.46 -11.09 -18.04
CA VAL A 296 0.18 -12.51 -18.25
C VAL A 296 0.79 -13.02 -19.55
N GLY A 297 1.52 -14.15 -19.50
CA GLY A 297 2.14 -14.74 -20.69
C GLY A 297 1.14 -15.22 -21.73
N VAL A 298 1.46 -15.04 -23.02
CA VAL A 298 0.55 -15.46 -24.09
C VAL A 298 1.32 -16.16 -25.22
N ASP A 299 0.84 -17.33 -25.63
CA ASP A 299 1.42 -17.99 -26.80
C ASP A 299 0.39 -18.93 -27.43
N LYS A 300 0.81 -19.72 -28.41
CA LYS A 300 -0.11 -20.59 -29.14
C LYS A 300 -0.97 -21.42 -28.22
N ASP A 301 -0.38 -21.85 -27.11
CA ASP A 301 -1.04 -22.79 -26.19
C ASP A 301 -2.20 -22.21 -25.38
N ASN A 302 -2.20 -20.89 -25.17
CA ASN A 302 -3.28 -20.26 -24.44
C ASN A 302 -3.88 -19.09 -25.19
N LEU A 303 -3.49 -18.97 -26.46
CA LEU A 303 -3.89 -17.83 -27.30
C LEU A 303 -5.40 -17.56 -27.23
N SER A 304 -6.19 -18.61 -27.06
CA SER A 304 -7.64 -18.49 -27.14
C SER A 304 -8.23 -17.57 -26.07
N GLU A 305 -7.49 -17.39 -24.99
CA GLU A 305 -7.99 -16.62 -23.87
C GLU A 305 -7.76 -15.12 -24.04
N PHE A 306 -7.31 -14.71 -25.21
CA PHE A 306 -6.97 -13.30 -25.40
C PHE A 306 -7.50 -12.68 -26.70
N THR A 307 -7.87 -13.52 -27.66
CA THR A 307 -8.19 -13.03 -28.99
C THR A 307 -9.30 -13.86 -29.67
N THR B 3 7.92 25.19 10.85
CA THR B 3 6.78 24.30 10.51
C THR B 3 5.94 23.97 11.75
N ARG B 4 4.72 24.52 11.82
CA ARG B 4 3.80 24.26 12.93
C ARG B 4 2.89 23.06 12.61
N ILE B 5 2.83 22.09 13.51
CA ILE B 5 1.92 20.96 13.35
C ILE B 5 1.02 20.86 14.58
N GLY B 6 -0.29 20.86 14.35
CA GLY B 6 -1.24 20.75 15.46
C GLY B 6 -1.49 19.28 15.76
N VAL B 7 -1.55 18.94 17.05
CA VAL B 7 -1.77 17.57 17.47
C VAL B 7 -2.85 17.57 18.54
N THR B 8 -3.88 16.73 18.37
CA THR B 8 -4.89 16.58 19.43
C THR B 8 -4.78 15.18 20.01
N ILE B 9 -4.90 15.09 21.32
CA ILE B 9 -4.88 13.82 22.05
C ILE B 9 -6.24 13.74 22.71
N TYR B 10 -6.97 12.63 22.49
CA TYR B 10 -8.40 12.63 22.85
C TYR B 10 -8.60 12.97 24.32
N LYS B 11 -7.71 12.43 25.18
CA LYS B 11 -7.66 12.85 26.57
C LYS B 11 -6.31 12.46 27.14
N TYR B 12 -5.66 13.41 27.81
CA TYR B 12 -4.31 13.21 28.31
C TYR B 12 -4.26 12.14 29.39
N ASP B 13 -5.39 11.86 30.04
CA ASP B 13 -5.34 10.85 31.11
C ASP B 13 -5.57 9.41 30.62
N ASP B 14 -5.52 9.18 29.31
CA ASP B 14 -5.56 7.80 28.81
C ASP B 14 -4.14 7.23 28.90
N ASN B 15 -3.97 6.12 29.61
CA ASN B 15 -2.63 5.57 29.89
C ASN B 15 -1.79 5.33 28.63
N PHE B 16 -2.34 4.57 27.70
CA PHE B 16 -1.60 4.22 26.48
C PHE B 16 -1.30 5.45 25.63
N MET B 17 -2.30 6.32 25.45
CA MET B 17 -2.08 7.50 24.63
C MET B 17 -1.10 8.50 25.26
N SER B 18 -0.87 8.40 26.57
CA SER B 18 0.19 9.21 27.16
C SER B 18 1.55 8.69 26.70
N VAL B 19 1.69 7.37 26.55
CA VAL B 19 2.91 6.82 25.97
C VAL B 19 3.08 7.29 24.53
N VAL B 20 2.02 7.19 23.74
CA VAL B 20 2.03 7.66 22.36
C VAL B 20 2.34 9.15 22.32
N ARG B 21 1.64 9.92 23.15
CA ARG B 21 1.84 11.37 23.16
C ARG B 21 3.30 11.73 23.43
N LYS B 22 3.86 11.14 24.48
CA LYS B 22 5.21 11.49 24.88
C LYS B 22 6.24 11.13 23.80
N ALA B 23 6.01 10.02 23.10
CA ALA B 23 6.92 9.61 22.03
C ALA B 23 6.80 10.54 20.82
N ILE B 24 5.58 11.02 20.55
CA ILE B 24 5.41 11.99 19.48
C ILE B 24 6.15 13.28 19.85
N GLU B 25 5.99 13.72 21.10
CA GLU B 25 6.61 14.97 21.54
C GLU B 25 8.14 14.88 21.51
N LYS B 26 8.67 13.70 21.80
CA LYS B 26 10.12 13.48 21.69
C LYS B 26 10.62 13.75 20.27
N ASP B 27 9.89 13.27 19.27
CA ASP B 27 10.22 13.56 17.88
C ASP B 27 10.16 15.05 17.56
N GLY B 28 9.15 15.75 18.09
CA GLY B 28 9.04 17.17 17.86
C GLY B 28 10.19 17.94 18.50
N LYS B 29 10.59 17.51 19.69
CA LYS B 29 11.72 18.12 20.38
C LYS B 29 13.03 17.97 19.63
N SER B 30 13.16 16.87 18.87
CA SER B 30 14.40 16.55 18.17
C SER B 30 14.47 17.14 16.76
N ALA B 31 13.37 17.72 16.30
CA ALA B 31 13.32 18.33 14.97
C ALA B 31 13.26 19.85 15.11
N PRO B 32 14.39 20.53 14.89
CA PRO B 32 14.45 21.95 15.13
C PRO B 32 13.48 22.73 14.23
N ASP B 33 13.15 22.16 13.07
CA ASP B 33 12.29 22.82 12.10
C ASP B 33 10.79 22.55 12.32
N VAL B 34 10.44 21.92 13.44
CA VAL B 34 9.04 21.59 13.71
C VAL B 34 8.62 22.07 15.09
N GLN B 35 7.47 22.75 15.18
CA GLN B 35 6.89 23.01 16.49
C GLN B 35 5.52 22.31 16.60
N LEU B 36 5.38 21.41 17.56
CA LEU B 36 4.10 20.75 17.77
C LEU B 36 3.23 21.63 18.65
N LEU B 37 2.03 21.94 18.19
CA LEU B 37 1.05 22.60 19.02
C LEU B 37 0.12 21.54 19.61
N MET B 38 0.34 21.23 20.88
CA MET B 38 -0.31 20.08 21.50
C MET B 38 -1.63 20.44 22.18
N ASN B 39 -2.64 19.58 22.00
CA ASN B 39 -3.94 19.80 22.61
C ASN B 39 -4.44 18.59 23.38
N ASP B 40 -4.90 18.82 24.61
CA ASP B 40 -5.70 17.85 25.36
C ASP B 40 -7.18 18.13 25.06
N SER B 41 -7.86 17.20 24.40
CA SER B 41 -9.26 17.38 24.07
C SER B 41 -10.20 17.06 25.25
N GLN B 42 -9.66 16.58 26.35
CA GLN B 42 -10.46 16.39 27.57
C GLN B 42 -11.68 15.49 27.36
N ASN B 43 -11.54 14.49 26.48
CA ASN B 43 -12.59 13.48 26.26
C ASN B 43 -13.92 14.02 25.75
N ASP B 44 -13.86 15.08 24.96
CA ASP B 44 -15.05 15.78 24.49
C ASP B 44 -14.85 16.21 23.04
N GLN B 45 -15.52 15.53 22.12
CA GLN B 45 -15.32 15.81 20.71
C GLN B 45 -15.65 17.27 20.38
N SER B 46 -16.62 17.84 21.11
CA SER B 46 -16.98 19.25 20.93
C SER B 46 -15.80 20.17 21.17
N LYS B 47 -15.06 19.90 22.23
CA LYS B 47 -13.88 20.67 22.54
C LYS B 47 -12.82 20.47 21.45
N GLN B 48 -12.66 19.24 20.98
CA GLN B 48 -11.69 18.98 19.95
C GLN B 48 -12.03 19.71 18.64
N ASN B 49 -13.31 19.77 18.30
CA ASN B 49 -13.72 20.48 17.09
C ASN B 49 -13.31 21.93 17.15
N ASP B 50 -13.51 22.56 18.30
CA ASP B 50 -13.09 23.95 18.50
C ASP B 50 -11.58 24.08 18.50
N GLN B 51 -10.90 23.12 19.11
CA GLN B 51 -9.44 23.13 19.10
C GLN B 51 -8.91 23.07 17.67
N ILE B 52 -9.54 22.25 16.83
CA ILE B 52 -9.07 22.13 15.46
C ILE B 52 -9.22 23.45 14.69
N ASP B 53 -10.32 24.16 14.90
CA ASP B 53 -10.46 25.48 14.26
C ASP B 53 -9.36 26.41 14.74
N VAL B 54 -9.09 26.39 16.03
CA VAL B 54 -8.02 27.23 16.58
C VAL B 54 -6.64 26.86 16.00
N LEU B 55 -6.35 25.56 15.89
CA LEU B 55 -5.04 25.13 15.34
C LEU B 55 -4.85 25.63 13.92
N LEU B 56 -5.89 25.49 13.12
CA LEU B 56 -5.85 25.96 11.75
C LEU B 56 -5.63 27.47 11.75
N ALA B 57 -6.34 28.18 12.62
CA ALA B 57 -6.19 29.62 12.65
C ALA B 57 -4.77 30.00 13.09
N LYS B 58 -4.13 29.13 13.86
CA LYS B 58 -2.76 29.37 14.31
C LYS B 58 -1.71 29.08 13.24
N GLY B 59 -2.15 28.70 12.05
CA GLY B 59 -1.25 28.54 10.90
C GLY B 59 -0.54 27.20 10.77
N VAL B 60 -1.12 26.14 11.32
CA VAL B 60 -0.50 24.81 11.18
C VAL B 60 -0.42 24.41 9.71
N LYS B 61 0.59 23.60 9.39
CA LYS B 61 0.73 23.08 8.02
C LYS B 61 0.26 21.62 7.94
N ALA B 62 0.05 21.00 9.11
CA ALA B 62 -0.56 19.68 9.13
C ALA B 62 -1.29 19.49 10.46
N LEU B 63 -2.23 18.54 10.46
CA LEU B 63 -2.90 18.14 11.68
C LEU B 63 -2.65 16.66 11.92
N ALA B 64 -2.44 16.29 13.17
CA ALA B 64 -2.41 14.88 13.58
C ALA B 64 -3.45 14.75 14.66
N ILE B 65 -4.48 13.97 14.38
CA ILE B 65 -5.69 14.02 15.17
C ILE B 65 -5.98 12.68 15.78
N ASN B 66 -6.03 12.65 17.10
CA ASN B 66 -6.47 11.50 17.83
C ASN B 66 -7.92 11.78 18.23
N LEU B 67 -8.88 11.25 17.47
CA LEU B 67 -10.29 11.59 17.66
C LEU B 67 -10.83 11.17 19.03
N VAL B 68 -11.74 11.97 19.59
CA VAL B 68 -12.50 11.53 20.76
C VAL B 68 -13.51 10.48 20.29
N ASP B 69 -14.32 10.87 19.31
CA ASP B 69 -15.33 10.01 18.68
C ASP B 69 -14.94 9.71 17.24
N PRO B 70 -14.70 8.43 16.93
CA PRO B 70 -14.29 8.04 15.59
C PRO B 70 -15.28 8.50 14.53
N ALA B 71 -16.55 8.61 14.90
CA ALA B 71 -17.58 9.08 13.97
C ALA B 71 -17.31 10.49 13.42
N ALA B 72 -16.59 11.29 14.19
CA ALA B 72 -16.37 12.68 13.82
C ALA B 72 -15.21 12.88 12.84
N ALA B 73 -14.64 11.78 12.33
CA ALA B 73 -13.58 11.89 11.33
C ALA B 73 -14.02 12.79 10.17
N GLY B 74 -15.22 12.54 9.65
CA GLY B 74 -15.74 13.34 8.55
C GLY B 74 -15.79 14.83 8.86
N THR B 75 -16.38 15.18 10.00
CA THR B 75 -16.49 16.57 10.44
C THR B 75 -15.12 17.25 10.46
N VAL B 76 -14.13 16.56 11.00
CA VAL B 76 -12.75 17.06 11.04
C VAL B 76 -12.14 17.20 9.65
N ILE B 77 -12.34 16.20 8.80
CA ILE B 77 -11.81 16.24 7.44
C ILE B 77 -12.38 17.43 6.68
N GLU B 78 -13.66 17.71 6.86
CA GLU B 78 -14.26 18.87 6.18
C GLU B 78 -13.64 20.20 6.63
N LYS B 79 -13.26 20.29 7.90
CA LYS B 79 -12.56 21.48 8.38
C LYS B 79 -11.17 21.60 7.73
N ALA B 80 -10.47 20.47 7.63
CA ALA B 80 -9.14 20.45 7.01
C ALA B 80 -9.22 20.75 5.51
N ARG B 81 -10.20 20.12 4.85
CA ARG B 81 -10.38 20.27 3.39
C ARG B 81 -10.54 21.73 3.00
N GLY B 82 -11.31 22.46 3.80
CA GLY B 82 -11.55 23.90 3.56
C GLY B 82 -10.27 24.70 3.58
N GLN B 83 -9.30 24.24 4.36
CA GLN B 83 -8.01 24.92 4.44
C GLN B 83 -6.94 24.16 3.65
N ASN B 84 -7.35 23.09 2.99
CA ASN B 84 -6.43 22.26 2.20
C ASN B 84 -5.25 21.77 3.04
N VAL B 85 -5.49 21.54 4.32
CA VAL B 85 -4.48 21.07 5.25
C VAL B 85 -4.54 19.54 5.39
N PRO B 86 -3.38 18.86 5.38
CA PRO B 86 -3.46 17.42 5.51
C PRO B 86 -3.74 16.99 6.95
N VAL B 87 -4.38 15.84 7.09
CA VAL B 87 -4.72 15.35 8.41
CA VAL B 87 -4.75 15.33 8.41
C VAL B 87 -4.30 13.89 8.57
N VAL B 88 -3.44 13.66 9.57
CA VAL B 88 -3.04 12.30 9.92
C VAL B 88 -3.84 11.85 11.16
N PHE B 89 -4.86 11.03 10.95
CA PHE B 89 -5.59 10.44 12.07
C PHE B 89 -4.73 9.33 12.68
N PHE B 90 -4.83 9.15 14.00
CA PHE B 90 -4.10 8.07 14.63
C PHE B 90 -4.82 7.54 15.87
N ASN B 91 -4.62 6.24 16.11
CA ASN B 91 -5.11 5.55 17.31
C ASN B 91 -6.61 5.20 17.34
N LYS B 92 -7.48 6.09 16.84
CA LYS B 92 -8.89 5.72 16.63
C LYS B 92 -9.21 5.81 15.14
N GLU B 93 -9.53 4.68 14.54
CA GLU B 93 -9.61 4.64 13.08
C GLU B 93 -10.95 5.14 12.55
N PRO B 94 -10.93 6.11 11.62
CA PRO B 94 -12.12 6.48 10.88
C PRO B 94 -12.62 5.36 9.96
N SER B 95 -13.85 5.47 9.50
CA SER B 95 -14.36 4.56 8.50
C SER B 95 -13.53 4.72 7.24
N ARG B 96 -13.53 3.69 6.41
CA ARG B 96 -12.80 3.75 5.16
C ARG B 96 -13.41 4.82 4.28
N LYS B 97 -14.73 4.97 4.35
CA LYS B 97 -15.40 6.00 3.56
C LYS B 97 -14.89 7.40 3.90
N ALA B 98 -14.78 7.70 5.19
CA ALA B 98 -14.21 8.97 5.63
C ALA B 98 -12.76 9.19 5.12
N LEU B 99 -11.88 8.19 5.27
CA LEU B 99 -10.49 8.38 4.83
C LEU B 99 -10.42 8.56 3.31
N ASP B 100 -11.20 7.78 2.58
CA ASP B 100 -11.21 7.88 1.11
C ASP B 100 -11.86 9.17 0.60
N SER B 101 -12.42 9.97 1.51
CA SER B 101 -13.17 11.14 1.09
C SER B 101 -12.28 12.33 0.79
N TYR B 102 -11.00 12.21 1.16
CA TYR B 102 -10.11 13.36 1.14
C TYR B 102 -8.72 12.94 0.68
N ASP B 103 -8.21 13.67 -0.31
CA ASP B 103 -6.90 13.35 -0.89
C ASP B 103 -5.77 13.42 0.13
N LYS B 104 -5.99 14.10 1.26
CA LYS B 104 -4.91 14.22 2.26
CA LYS B 104 -4.96 14.32 2.28
C LYS B 104 -5.30 13.74 3.66
N ALA B 105 -6.20 12.77 3.73
CA ALA B 105 -6.53 12.14 5.01
C ALA B 105 -5.76 10.83 5.15
N TYR B 106 -4.96 10.70 6.21
CA TYR B 106 -4.22 9.46 6.49
C TYR B 106 -4.63 8.83 7.81
N TYR B 107 -4.17 7.61 8.07
CA TYR B 107 -4.41 6.99 9.37
C TYR B 107 -3.25 6.11 9.78
N VAL B 108 -2.85 6.21 11.05
CA VAL B 108 -1.80 5.35 11.58
C VAL B 108 -2.37 4.61 12.79
N GLY B 109 -2.35 3.29 12.75
CA GLY B 109 -2.85 2.49 13.86
C GLY B 109 -2.35 1.05 13.84
N THR B 110 -3.27 0.11 14.01
CA THR B 110 -2.92 -1.30 14.07
C THR B 110 -3.94 -2.10 13.28
N ASP B 111 -3.67 -3.40 13.13
CA ASP B 111 -4.66 -4.35 12.64
C ASP B 111 -5.50 -4.78 13.86
N SER B 112 -6.69 -4.21 14.02
CA SER B 112 -7.42 -4.36 15.28
C SER B 112 -7.68 -5.82 15.71
N LYS B 113 -8.05 -6.67 14.76
CA LYS B 113 -8.36 -8.07 15.09
C LYS B 113 -7.13 -8.79 15.63
N GLU B 114 -5.95 -8.38 15.18
CA GLU B 114 -4.72 -9.06 15.57
C GLU B 114 -4.57 -9.17 17.09
N SER B 115 -4.82 -8.08 17.82
CA SER B 115 -4.66 -8.13 19.28
C SER B 115 -5.67 -9.03 19.96
N GLY B 116 -6.89 -9.09 19.42
CA GLY B 116 -7.89 -10.01 19.90
C GLY B 116 -7.44 -11.44 19.67
N VAL B 117 -6.92 -11.71 18.47
CA VAL B 117 -6.43 -13.07 18.19
C VAL B 117 -5.29 -13.45 19.14
N ILE B 118 -4.30 -12.56 19.26
CA ILE B 118 -3.18 -12.81 20.18
C ILE B 118 -3.66 -13.03 21.62
N GLN B 119 -4.59 -12.20 22.08
CA GLN B 119 -5.12 -12.36 23.43
C GLN B 119 -5.87 -13.68 23.62
N GLY B 120 -6.66 -14.05 22.62
CA GLY B 120 -7.34 -15.35 22.68
C GLY B 120 -6.36 -16.50 22.80
N ASP B 121 -5.29 -16.47 22.01
CA ASP B 121 -4.25 -17.49 22.05
C ASP B 121 -3.54 -17.52 23.40
N LEU B 122 -3.28 -16.36 23.99
CA LEU B 122 -2.67 -16.34 25.32
C LEU B 122 -3.62 -16.97 26.32
N ILE B 123 -4.89 -16.59 26.27
CA ILE B 123 -5.86 -17.17 27.21
C ILE B 123 -5.96 -18.69 27.01
N ALA B 124 -6.01 -19.12 25.75
CA ALA B 124 -6.09 -20.54 25.45
C ALA B 124 -4.90 -21.27 26.06
N LYS B 125 -3.71 -20.68 25.87
CA LYS B 125 -2.47 -21.29 26.33
C LYS B 125 -2.48 -21.42 27.85
N HIS B 126 -2.87 -20.37 28.54
CA HIS B 126 -2.83 -20.42 30.00
C HIS B 126 -3.97 -21.28 30.60
N TRP B 127 -5.08 -21.36 29.89
CA TRP B 127 -6.21 -22.22 30.27
C TRP B 127 -5.82 -23.70 30.20
N GLN B 128 -5.11 -24.05 29.13
CA GLN B 128 -4.60 -25.42 28.95
C GLN B 128 -3.70 -25.82 30.12
N ALA B 129 -2.84 -24.90 30.55
CA ALA B 129 -1.85 -25.16 31.59
C ALA B 129 -2.38 -24.95 33.01
N ASN B 130 -3.63 -24.52 33.12
CA ASN B 130 -4.25 -24.25 34.42
C ASN B 130 -5.65 -24.86 34.53
N GLN B 131 -5.72 -26.19 34.52
CA GLN B 131 -7.00 -26.89 34.51
C GLN B 131 -7.84 -26.52 35.75
N GLY B 132 -7.17 -26.08 36.81
CA GLY B 132 -7.88 -25.70 38.03
C GLY B 132 -8.79 -24.49 37.82
N TRP B 133 -8.55 -23.75 36.76
CA TRP B 133 -9.32 -22.53 36.50
C TRP B 133 -10.76 -22.85 36.11
N ASP B 134 -11.00 -24.06 35.62
CA ASP B 134 -12.36 -24.45 35.25
C ASP B 134 -13.15 -24.75 36.53
N LEU B 135 -13.56 -23.71 37.24
CA LEU B 135 -14.18 -23.84 38.57
C LEU B 135 -15.39 -24.76 38.63
N ASN B 136 -16.22 -24.74 37.59
CA ASN B 136 -17.42 -25.57 37.63
C ASN B 136 -17.26 -26.83 36.80
N LYS B 137 -16.05 -27.06 36.29
CA LYS B 137 -15.71 -28.32 35.64
C LYS B 137 -16.58 -28.70 34.44
N ASP B 138 -17.05 -27.70 33.69
CA ASP B 138 -17.85 -27.96 32.49
C ASP B 138 -17.06 -27.87 31.18
N GLY B 139 -15.76 -27.63 31.26
CA GLY B 139 -14.91 -27.58 30.06
C GLY B 139 -15.02 -26.28 29.28
N LYS B 140 -15.79 -25.32 29.82
CA LYS B 140 -15.99 -24.03 29.16
C LYS B 140 -15.45 -22.91 30.04
N ILE B 141 -15.03 -21.81 29.40
CA ILE B 141 -14.59 -20.66 30.18
C ILE B 141 -15.79 -19.77 30.48
N GLN B 142 -16.13 -19.63 31.76
CA GLN B 142 -17.09 -18.60 32.17
C GLN B 142 -16.33 -17.33 32.46
N TYR B 143 -16.58 -16.27 31.71
CA TYR B 143 -15.73 -15.09 31.78
C TYR B 143 -16.53 -13.81 31.97
N VAL B 144 -15.87 -12.77 32.47
CA VAL B 144 -16.43 -11.43 32.42
C VAL B 144 -15.53 -10.60 31.51
N LEU B 145 -16.12 -9.68 30.75
CA LEU B 145 -15.34 -8.87 29.81
C LEU B 145 -15.48 -7.39 30.12
N LEU B 146 -14.33 -6.72 30.26
CA LEU B 146 -14.31 -5.27 30.42
C LEU B 146 -13.94 -4.64 29.08
N LYS B 147 -14.92 -3.96 28.48
CA LYS B 147 -14.83 -3.48 27.10
C LYS B 147 -14.36 -2.02 27.03
N GLY B 148 -13.63 -1.69 25.97
CA GLY B 148 -13.27 -0.28 25.70
C GLY B 148 -14.50 0.51 25.31
N GLU B 149 -14.31 1.69 24.74
CA GLU B 149 -15.43 2.52 24.27
C GLU B 149 -16.28 1.79 23.23
N PRO B 150 -17.60 1.76 23.44
CA PRO B 150 -18.45 1.18 22.42
C PRO B 150 -18.23 1.90 21.09
N GLY B 151 -18.15 1.13 20.01
CA GLY B 151 -17.97 1.71 18.67
C GLY B 151 -16.50 1.94 18.30
N HIS B 152 -15.63 1.91 19.28
CA HIS B 152 -14.20 2.04 19.01
C HIS B 152 -13.73 0.75 18.30
N PRO B 153 -13.06 0.89 17.13
CA PRO B 153 -12.74 -0.31 16.34
C PRO B 153 -11.95 -1.36 17.10
N ASP B 154 -11.06 -0.91 17.99
CA ASP B 154 -10.24 -1.83 18.79
C ASP B 154 -11.02 -2.50 19.92
N ALA B 155 -11.99 -1.79 20.51
CA ALA B 155 -12.88 -2.43 21.48
C ALA B 155 -13.75 -3.50 20.82
N GLU B 156 -14.35 -3.15 19.69
CA GLU B 156 -15.21 -4.09 18.98
C GLU B 156 -14.41 -5.32 18.53
N ALA B 157 -13.23 -5.11 17.96
CA ALA B 157 -12.44 -6.21 17.41
C ALA B 157 -11.81 -7.06 18.52
N ARG B 158 -11.34 -6.42 19.57
CA ARG B 158 -10.71 -7.18 20.66
C ARG B 158 -11.73 -8.04 21.40
N THR B 159 -12.95 -7.52 21.49
CA THR B 159 -14.06 -8.21 22.15
C THR B 159 -14.58 -9.35 21.27
N THR B 160 -14.72 -9.09 19.99
CA THR B 160 -15.15 -10.10 19.01
C THR B 160 -14.11 -11.22 18.82
N TYR B 161 -12.88 -10.83 18.55
CA TYR B 161 -11.87 -11.82 18.18
C TYR B 161 -11.29 -12.64 19.33
N VAL B 162 -11.29 -12.10 20.54
CA VAL B 162 -10.82 -12.90 21.68
C VAL B 162 -11.71 -14.14 21.84
N VAL B 163 -13.02 -13.95 21.76
CA VAL B 163 -13.96 -15.07 21.82
C VAL B 163 -13.81 -16.00 20.60
N LYS B 164 -13.76 -15.44 19.40
CA LYS B 164 -13.65 -16.30 18.22
C LYS B 164 -12.41 -17.20 18.30
N GLU B 165 -11.27 -16.61 18.65
CA GLU B 165 -10.03 -17.38 18.70
C GLU B 165 -10.14 -18.53 19.70
N LEU B 166 -10.62 -18.22 20.90
CA LEU B 166 -10.89 -19.24 21.91
C LEU B 166 -11.73 -20.38 21.32
N ASN B 167 -12.89 -20.04 20.77
CA ASN B 167 -13.74 -21.05 20.17
C ASN B 167 -13.02 -21.85 19.07
N ASP B 168 -12.21 -21.17 18.27
CA ASP B 168 -11.42 -21.84 17.22
C ASP B 168 -10.37 -22.81 17.78
N LYS B 169 -10.03 -22.67 19.05
CA LYS B 169 -9.11 -23.61 19.68
C LYS B 169 -9.84 -24.71 20.46
N GLY B 170 -11.12 -24.87 20.15
CA GLY B 170 -11.94 -25.93 20.73
C GLY B 170 -12.48 -25.59 22.11
N ILE B 171 -12.33 -24.32 22.50
CA ILE B 171 -12.73 -23.88 23.83
C ILE B 171 -14.05 -23.13 23.80
N GLN B 172 -15.09 -23.75 24.36
CA GLN B 172 -16.39 -23.10 24.43
C GLN B 172 -16.34 -22.02 25.49
N THR B 173 -17.12 -20.95 25.27
CA THR B 173 -17.08 -19.82 26.18
C THR B 173 -18.48 -19.41 26.61
N GLU B 174 -18.58 -18.89 27.83
CA GLU B 174 -19.82 -18.36 28.34
C GLU B 174 -19.64 -16.98 28.98
N GLN B 175 -20.30 -15.99 28.40
CA GLN B 175 -20.21 -14.62 28.90
C GLN B 175 -21.13 -14.45 30.12
N LEU B 176 -20.54 -14.40 31.31
CA LEU B 176 -21.30 -14.14 32.53
C LEU B 176 -21.75 -12.67 32.59
N ALA B 177 -20.91 -11.79 32.08
CA ALA B 177 -21.20 -10.37 32.12
C ALA B 177 -20.22 -9.64 31.22
N LEU B 178 -20.65 -8.46 30.79
CA LEU B 178 -19.82 -7.63 29.94
C LEU B 178 -20.30 -6.21 30.15
N ASP B 179 -19.36 -5.30 30.38
CA ASP B 179 -19.70 -3.90 30.41
C ASP B 179 -18.50 -3.07 29.98
N THR B 180 -18.76 -1.85 29.55
CA THR B 180 -17.67 -0.98 29.16
C THR B 180 -17.17 -0.26 30.38
N ALA B 181 -15.85 -0.14 30.46
CA ALA B 181 -15.22 0.71 31.43
C ALA B 181 -14.45 1.81 30.72
N MET B 182 -14.75 2.00 29.43
CA MET B 182 -14.28 3.14 28.64
C MET B 182 -12.77 3.34 28.66
N TRP B 183 -12.03 2.24 28.69
CA TRP B 183 -10.57 2.24 28.69
C TRP B 183 -9.95 2.64 30.03
N ASP B 184 -10.78 2.91 31.03
CA ASP B 184 -10.34 3.59 32.27
C ASP B 184 -10.11 2.62 33.44
N THR B 185 -9.04 2.84 34.20
CA THR B 185 -8.74 2.00 35.36
C THR B 185 -9.81 2.11 36.46
N ALA B 186 -10.12 3.33 36.88
CA ALA B 186 -11.10 3.53 37.96
C ALA B 186 -12.47 2.91 37.67
N GLN B 187 -12.97 3.15 36.46
CA GLN B 187 -14.26 2.61 36.06
C GLN B 187 -14.22 1.09 36.06
N ALA B 188 -13.09 0.54 35.62
CA ALA B 188 -12.93 -0.91 35.58
C ALA B 188 -12.90 -1.50 37.00
N LYS B 189 -12.21 -0.82 37.90
CA LYS B 189 -12.20 -1.29 39.29
C LYS B 189 -13.64 -1.40 39.80
N ASP B 190 -14.45 -0.37 39.55
CA ASP B 190 -15.83 -0.35 40.02
C ASP B 190 -16.69 -1.44 39.39
N LYS B 191 -16.53 -1.65 38.08
CA LYS B 191 -17.30 -2.71 37.42
C LYS B 191 -16.89 -4.10 37.92
N MET B 192 -15.59 -4.31 38.13
CA MET B 192 -15.10 -5.61 38.62
C MET B 192 -15.56 -5.84 40.08
N ASP B 193 -15.44 -4.79 40.89
CA ASP B 193 -15.90 -4.80 42.29
C ASP B 193 -17.37 -5.23 42.38
N ALA B 194 -18.21 -4.65 41.52
CA ALA B 194 -19.61 -5.03 41.47
C ALA B 194 -19.76 -6.52 41.23
N TRP B 195 -19.17 -7.01 40.13
CA TRP B 195 -19.26 -8.43 39.82
C TRP B 195 -18.80 -9.30 40.99
N LEU B 196 -17.70 -8.91 41.63
CA LEU B 196 -17.19 -9.70 42.77
C LEU B 196 -18.08 -9.59 44.01
N SER B 197 -18.97 -8.61 44.02
CA SER B 197 -19.86 -8.40 45.15
C SER B 197 -21.26 -8.96 44.89
N GLY B 198 -21.48 -9.49 43.69
CA GLY B 198 -22.79 -10.01 43.32
C GLY B 198 -22.88 -11.51 43.49
N PRO B 199 -24.06 -12.07 43.28
CA PRO B 199 -24.31 -13.50 43.55
C PRO B 199 -23.60 -14.47 42.60
N ASN B 200 -23.02 -13.96 41.53
CA ASN B 200 -22.29 -14.82 40.59
C ASN B 200 -20.78 -14.74 40.72
N ALA B 201 -20.31 -14.18 41.83
CA ALA B 201 -18.90 -13.93 41.99
C ALA B 201 -18.07 -15.22 41.94
N ASN B 202 -18.60 -16.31 42.49
CA ASN B 202 -17.84 -17.55 42.56
C ASN B 202 -17.94 -18.40 41.29
N LYS B 203 -18.58 -17.85 40.27
CA LYS B 203 -18.67 -18.51 38.97
C LYS B 203 -17.63 -17.94 37.99
N ILE B 204 -17.12 -16.74 38.27
CA ILE B 204 -16.19 -16.07 37.37
C ILE B 204 -14.86 -16.82 37.28
N GLU B 205 -14.51 -17.27 36.07
CA GLU B 205 -13.29 -18.05 35.89
C GLU B 205 -12.12 -17.27 35.31
N VAL B 206 -12.42 -16.29 34.46
CA VAL B 206 -11.41 -15.52 33.75
C VAL B 206 -11.90 -14.10 33.51
N VAL B 207 -11.02 -13.13 33.73
CA VAL B 207 -11.33 -11.73 33.45
C VAL B 207 -10.59 -11.31 32.18
N ILE B 208 -11.37 -10.87 31.19
CA ILE B 208 -10.84 -10.46 29.90
C ILE B 208 -11.06 -8.95 29.76
N ALA B 209 -9.98 -8.18 29.61
CA ALA B 209 -10.08 -6.73 29.49
C ALA B 209 -9.57 -6.30 28.14
N ASN B 210 -10.23 -5.32 27.52
CA ASN B 210 -9.81 -4.84 26.21
C ASN B 210 -8.47 -4.07 26.27
N ASN B 211 -8.07 -3.62 27.46
CA ASN B 211 -6.73 -3.00 27.65
C ASN B 211 -6.15 -3.21 29.05
N ASP B 212 -4.90 -2.79 29.23
CA ASP B 212 -4.20 -2.94 30.50
C ASP B 212 -4.79 -2.05 31.59
N ALA B 213 -5.17 -0.83 31.22
CA ALA B 213 -5.71 0.10 32.22
C ALA B 213 -6.90 -0.51 32.94
N MET B 214 -7.80 -1.10 32.16
CA MET B 214 -8.97 -1.74 32.71
C MET B 214 -8.57 -3.02 33.47
N ALA B 215 -7.62 -3.76 32.91
CA ALA B 215 -7.08 -4.94 33.62
C ALA B 215 -6.54 -4.53 34.99
N MET B 216 -5.80 -3.42 35.02
CA MET B 216 -5.21 -2.95 36.27
C MET B 216 -6.27 -2.65 37.33
N GLY B 217 -7.40 -2.10 36.90
CA GLY B 217 -8.51 -1.82 37.79
C GLY B 217 -9.14 -3.10 38.30
N ALA B 218 -9.26 -4.08 37.40
CA ALA B 218 -9.78 -5.39 37.77
C ALA B 218 -8.90 -6.02 38.83
N VAL B 219 -7.59 -5.88 38.66
CA VAL B 219 -6.63 -6.43 39.63
C VAL B 219 -6.84 -5.81 41.01
N GLU B 220 -7.07 -4.50 41.02
CA GLU B 220 -7.36 -3.79 42.28
C GLU B 220 -8.59 -4.37 42.98
N ALA B 221 -9.66 -4.61 42.23
CA ALA B 221 -10.90 -5.11 42.80
C ALA B 221 -10.71 -6.53 43.32
N LEU B 222 -10.02 -7.36 42.55
CA LEU B 222 -9.71 -8.72 42.98
C LEU B 222 -8.91 -8.75 44.29
N LYS B 223 -7.88 -7.90 44.39
CA LYS B 223 -7.11 -7.84 45.64
C LYS B 223 -7.99 -7.43 46.82
N ALA B 224 -8.87 -6.45 46.60
CA ALA B 224 -9.84 -6.03 47.61
C ALA B 224 -10.70 -7.19 48.11
N HIS B 225 -11.11 -8.06 47.19
CA HIS B 225 -11.98 -9.19 47.52
C HIS B 225 -11.23 -10.47 47.84
N ASN B 226 -9.91 -10.39 47.91
CA ASN B 226 -9.09 -11.56 48.17
C ASN B 226 -9.30 -12.67 47.15
N LYS B 227 -9.49 -12.30 45.89
CA LYS B 227 -9.79 -13.27 44.83
C LYS B 227 -8.71 -13.31 43.77
N SER B 228 -7.45 -13.31 44.20
CA SER B 228 -6.36 -13.22 43.25
C SER B 228 -5.95 -14.58 42.61
N SER B 229 -6.88 -15.53 42.56
CA SER B 229 -6.64 -16.78 41.85
C SER B 229 -7.36 -16.76 40.50
N ILE B 230 -8.17 -15.74 40.29
CA ILE B 230 -8.90 -15.56 39.03
C ILE B 230 -7.99 -14.80 38.07
N PRO B 231 -7.66 -15.41 36.91
CA PRO B 231 -6.69 -14.72 36.03
C PRO B 231 -7.26 -13.51 35.29
N VAL B 232 -6.38 -12.55 34.99
CA VAL B 232 -6.75 -11.33 34.27
C VAL B 232 -5.87 -11.15 33.02
N PHE B 233 -6.50 -10.85 31.89
CA PHE B 233 -5.76 -10.61 30.65
C PHE B 233 -6.04 -9.20 30.12
N GLY B 234 -5.00 -8.58 29.58
CA GLY B 234 -5.11 -7.22 29.05
C GLY B 234 -4.52 -7.09 27.67
N VAL B 235 -4.43 -5.84 27.20
CA VAL B 235 -3.75 -5.47 25.97
C VAL B 235 -3.05 -4.12 26.16
N ASP B 236 -1.78 -4.07 25.77
CA ASP B 236 -0.98 -2.84 25.63
C ASP B 236 0.48 -3.03 26.04
N ALA B 237 0.69 -3.87 27.05
CA ALA B 237 1.99 -4.03 27.68
C ALA B 237 2.53 -2.73 28.30
N LEU B 238 1.64 -1.98 28.96
CA LEU B 238 2.08 -0.86 29.79
C LEU B 238 3.10 -1.38 30.80
N PRO B 239 4.07 -0.54 31.20
CA PRO B 239 5.01 -1.02 32.22
C PRO B 239 4.29 -1.59 33.43
N GLU B 240 3.22 -0.93 33.88
CA GLU B 240 2.54 -1.36 35.10
C GLU B 240 1.97 -2.75 34.93
N ALA B 241 1.57 -3.07 33.71
CA ALA B 241 0.96 -4.35 33.44
C ALA B 241 2.02 -5.45 33.40
N LEU B 242 3.17 -5.13 32.84
CA LEU B 242 4.26 -6.09 32.82
C LEU B 242 4.69 -6.42 34.25
N ALA B 243 4.62 -5.44 35.14
CA ALA B 243 4.88 -5.67 36.56
C ALA B 243 3.89 -6.68 37.14
N LEU B 244 2.64 -6.57 36.73
CA LEU B 244 1.61 -7.51 37.16
C LEU B 244 1.79 -8.88 36.50
N VAL B 245 2.13 -8.91 35.22
CA VAL B 245 2.45 -10.20 34.61
C VAL B 245 3.56 -10.91 35.37
N LYS B 246 4.53 -10.13 35.86
CA LYS B 246 5.65 -10.70 36.60
C LYS B 246 5.21 -11.30 37.93
N SER B 247 4.34 -10.58 38.63
CA SER B 247 3.86 -11.01 39.94
C SER B 247 2.80 -12.09 39.82
N GLY B 248 2.27 -12.25 38.61
CA GLY B 248 1.20 -13.22 38.35
C GLY B 248 -0.19 -12.69 38.67
N ALA B 249 -0.29 -11.38 38.91
CA ALA B 249 -1.57 -10.72 39.14
C ALA B 249 -2.30 -10.54 37.81
N MET B 250 -1.52 -10.53 36.74
CA MET B 250 -2.05 -10.65 35.40
C MET B 250 -1.39 -11.87 34.74
N ALA B 251 -2.13 -12.55 33.88
CA ALA B 251 -1.65 -13.77 33.25
C ALA B 251 -1.01 -13.48 31.90
N GLY B 252 -1.38 -12.37 31.29
CA GLY B 252 -0.87 -12.04 29.96
C GLY B 252 -1.39 -10.71 29.45
N THR B 253 -0.72 -10.19 28.42
CA THR B 253 -1.15 -8.98 27.76
C THR B 253 -0.55 -8.97 26.35
N VAL B 254 -0.71 -7.87 25.64
CA VAL B 254 -0.27 -7.80 24.25
C VAL B 254 0.39 -6.44 24.01
N LEU B 255 1.66 -6.46 23.62
CA LEU B 255 2.36 -5.22 23.36
C LEU B 255 1.70 -4.46 22.21
N ASN B 256 1.26 -3.25 22.52
CA ASN B 256 0.74 -2.31 21.55
C ASN B 256 1.89 -1.33 21.34
N ASP B 257 2.43 -1.31 20.11
CA ASP B 257 3.67 -0.59 19.82
C ASP B 257 3.46 0.91 19.70
N ALA B 258 3.52 1.58 20.84
CA ALA B 258 3.37 3.03 20.92
C ALA B 258 4.50 3.77 20.20
N ASN B 259 5.74 3.28 20.36
CA ASN B 259 6.88 3.97 19.76
C ASN B 259 6.74 4.10 18.24
N ASN B 260 6.34 3.02 17.58
CA ASN B 260 6.24 3.06 16.13
C ASN B 260 4.98 3.74 15.59
N GLN B 261 3.85 3.62 16.31
CA GLN B 261 2.69 4.42 15.98
C GLN B 261 2.96 5.92 16.12
N ALA B 262 3.70 6.30 17.16
CA ALA B 262 4.09 7.69 17.33
C ALA B 262 5.02 8.12 16.20
N LYS B 263 6.01 7.29 15.91
CA LYS B 263 6.97 7.61 14.88
C LYS B 263 6.31 7.80 13.50
N ALA B 264 5.43 6.87 13.14
CA ALA B 264 4.74 6.96 11.83
C ALA B 264 3.86 8.21 11.75
N THR B 265 3.10 8.46 12.81
CA THR B 265 2.25 9.63 12.88
C THR B 265 3.07 10.91 12.67
N PHE B 266 4.20 11.02 13.37
CA PHE B 266 5.05 12.20 13.24
C PHE B 266 5.73 12.30 11.87
N ASP B 267 6.31 11.20 11.41
CA ASP B 267 7.01 11.20 10.11
C ASP B 267 6.06 11.62 8.99
N LEU B 268 4.86 11.04 9.00
CA LEU B 268 3.89 11.31 7.94
C LEU B 268 3.37 12.75 8.04
N ALA B 269 3.05 13.20 9.24
CA ALA B 269 2.55 14.56 9.43
C ALA B 269 3.58 15.59 8.99
N LYS B 270 4.85 15.34 9.32
CA LYS B 270 5.91 16.28 9.00
C LYS B 270 6.12 16.34 7.49
N ASN B 271 6.15 15.18 6.83
CA ASN B 271 6.26 15.15 5.38
C ASN B 271 5.10 15.89 4.69
N LEU B 272 3.89 15.63 5.15
CA LEU B 272 2.71 16.23 4.52
C LEU B 272 2.65 17.74 4.77
N ALA B 273 3.11 18.16 5.95
CA ALA B 273 3.25 19.57 6.27
C ALA B 273 4.22 20.27 5.32
N GLU B 274 5.25 19.54 4.89
CA GLU B 274 6.23 20.09 3.95
C GLU B 274 5.80 19.88 2.47
N GLY B 275 4.58 19.41 2.25
CA GLY B 275 4.09 19.16 0.88
C GLY B 275 4.78 17.98 0.18
N LYS B 276 5.33 17.06 0.97
CA LYS B 276 6.02 15.91 0.38
C LYS B 276 5.14 14.67 0.44
N GLY B 277 5.54 13.62 -0.26
CA GLY B 277 4.91 12.32 -0.08
C GLY B 277 5.01 11.91 1.38
N ALA B 278 3.92 11.34 1.89
CA ALA B 278 3.80 11.03 3.31
C ALA B 278 4.90 10.11 3.79
N ALA B 279 5.45 9.29 2.91
CA ALA B 279 6.47 8.32 3.29
C ALA B 279 7.89 8.75 2.91
N ASP B 280 8.05 9.96 2.40
CA ASP B 280 9.38 10.41 1.96
C ASP B 280 10.43 10.17 3.02
N GLY B 281 11.55 9.57 2.61
CA GLY B 281 12.68 9.36 3.51
C GLY B 281 12.39 8.41 4.63
N THR B 282 11.34 7.60 4.50
CA THR B 282 11.00 6.62 5.51
C THR B 282 10.84 5.24 4.88
N SER B 283 10.74 4.23 5.70
CA SER B 283 10.42 2.89 5.19
C SER B 283 9.01 2.44 5.59
N TRP B 284 8.10 3.38 5.89
CA TRP B 284 6.71 3.01 6.16
C TRP B 284 6.03 2.49 4.91
N LYS B 285 5.26 1.42 5.08
CA LYS B 285 4.46 0.84 4.01
C LYS B 285 3.06 1.43 4.10
N ILE B 286 2.84 2.58 3.49
CA ILE B 286 1.51 3.16 3.47
C ILE B 286 0.66 2.50 2.38
N GLU B 287 -0.54 2.06 2.75
CA GLU B 287 -1.42 1.37 1.82
C GLU B 287 -2.77 2.07 1.83
N ASN B 288 -3.13 2.67 0.69
CA ASN B 288 -4.35 3.47 0.62
C ASN B 288 -4.45 4.43 1.82
N LYS B 289 -3.32 5.10 2.09
CA LYS B 289 -3.18 6.15 3.11
C LYS B 289 -3.20 5.64 4.56
N ILE B 290 -2.97 4.35 4.74
CA ILE B 290 -3.06 3.77 6.07
C ILE B 290 -1.78 3.03 6.45
N VAL B 291 -1.30 3.23 7.68
CA VAL B 291 -0.16 2.48 8.20
C VAL B 291 -0.62 1.65 9.40
N ARG B 292 -0.23 0.38 9.48
CA ARG B 292 -0.58 -0.46 10.61
C ARG B 292 0.67 -1.09 11.26
N VAL B 293 0.68 -1.13 12.58
CA VAL B 293 1.87 -1.52 13.35
C VAL B 293 1.53 -2.77 14.16
N PRO B 294 2.33 -3.84 13.99
CA PRO B 294 1.99 -5.16 14.56
C PRO B 294 1.94 -5.19 16.08
N TYR B 295 1.08 -6.05 16.62
CA TYR B 295 1.07 -6.37 18.05
C TYR B 295 1.94 -7.60 18.32
N VAL B 296 2.34 -7.81 19.57
CA VAL B 296 3.02 -9.05 19.97
C VAL B 296 2.56 -9.51 21.36
N GLY B 297 2.25 -10.79 21.50
CA GLY B 297 1.78 -11.33 22.79
C GLY B 297 2.88 -11.38 23.84
N VAL B 298 2.51 -11.14 25.10
CA VAL B 298 3.46 -11.09 26.22
C VAL B 298 2.95 -11.88 27.43
N ASP B 299 3.79 -12.75 27.97
CA ASP B 299 3.48 -13.41 29.24
C ASP B 299 4.74 -13.72 30.04
N LYS B 300 4.57 -14.50 31.10
CA LYS B 300 5.67 -14.81 31.99
C LYS B 300 6.84 -15.42 31.21
N ASP B 301 6.52 -16.11 30.11
CA ASP B 301 7.51 -16.90 29.38
C ASP B 301 8.45 -16.05 28.55
N ASN B 302 7.96 -14.94 28.00
CA ASN B 302 8.84 -14.05 27.26
C ASN B 302 9.02 -12.68 27.92
N LEU B 303 8.47 -12.52 29.12
CA LEU B 303 8.46 -11.24 29.81
C LEU B 303 9.81 -10.52 29.72
N SER B 304 10.89 -11.28 29.92
CA SER B 304 12.22 -10.69 30.00
C SER B 304 12.63 -9.87 28.77
N GLU B 305 12.06 -10.17 27.61
CA GLU B 305 12.46 -9.41 26.43
C GLU B 305 11.67 -8.11 26.25
N PHE B 306 10.83 -7.78 27.20
CA PHE B 306 10.08 -6.52 27.16
C PHE B 306 10.45 -5.60 28.32
N THR B 307 10.69 -6.19 29.48
CA THR B 307 11.08 -5.43 30.67
C THR B 307 12.56 -5.64 30.98
#